data_1DL2
#
_entry.id   1DL2
#
_cell.length_a   88.397
_cell.length_b   88.397
_cell.length_c   153.220
_cell.angle_alpha   90.00
_cell.angle_beta   90.00
_cell.angle_gamma   120.00
#
_symmetry.space_group_name_H-M   'P 31 2 1'
#
loop_
_entity.id
_entity.type
_entity.pdbx_description
1 polymer 'CLASS I ALPHA-1,2-MANNOSIDASE'
2 branched alpha-D-mannopyranose-(1-3)-[alpha-D-mannopyranose-(1-6)]alpha-D-mannopyranose-(1-6)-[alpha-D-mannopyranose-(1-3)]beta-D-mannopyranose-(1-4)-2-acetamido-2-deoxy-alpha-D-glucopyranose-(1-4)-2-acetamido-2-deoxy-beta-D-glucopyranose
3 branched beta-D-mannopyranose-(1-4)-2-acetamido-2-deoxy-beta-D-glucopyranose-(1-4)-2-acetamido-2-deoxy-beta-D-glucopyranose
4 non-polymer 2-acetamido-2-deoxy-beta-D-glucopyranose
5 non-polymer 'CALCIUM ION'
6 non-polymer GLYCEROL
7 water water
#
_entity_poly.entity_id   1
_entity_poly.type   'polypeptide(L)'
_entity_poly.pdbx_seq_one_letter_code
;GAGEMRDRIESMFLESWRDYSKHGWGYDVYGPIEHTSHNMPRGNQPLGWIIVDSVDTLMLMYNSSTLYKSEFEAEIQRSE
HWINDVLDFDIDAEVNVFETTIRMLGGLLSAYHLSDVLEVGNKTVYLNKAIDLGDRLALAFLSTQTGIPYSSINLHSGQA
VKNHADGGASSTAEFTTLQMEFKYLAYLTGNRTYWELVERVYEPLYKNNDLLNTYDGLVPIYTFPDTGKFGASTIRFGSR
GDSFYEYLLKQYLLTHETLYYDLYRKSMEGMKKHLLAQSKPSSLWYIGEREQGLHGQLSPKMDHLVCFMGGLLASGSTEG
LSIHEARRRPFFSKSDWDLAKGITDTCYQMYKQSSSGLAPEIVVFNDGNIKQDGWWRSSVGDFFVKPLDRHNLQRPETVE
SIMFMYHLSHDHKYREWGAEIATSFFENTCVDCNDPKLRRFTSLSDCITLPTKKSNNMESFWLAETLKYLYILFLDEFDL
TKVVFNTEAHPFPVLDEEILKSQSLTTGWSL
;
_entity_poly.pdbx_strand_id   A
#
# COMPACT_ATOMS: atom_id res chain seq x y z
N GLY A 1 -13.96 17.70 -16.35
CA GLY A 1 -15.15 16.93 -15.85
C GLY A 1 -14.75 15.58 -15.29
N ALA A 2 -15.42 15.12 -14.23
CA ALA A 2 -15.10 13.83 -13.62
C ALA A 2 -15.15 12.65 -14.60
N GLY A 3 -16.22 12.58 -15.39
CA GLY A 3 -16.37 11.49 -16.35
C GLY A 3 -15.24 11.46 -17.36
N GLU A 4 -14.79 12.63 -17.77
CA GLU A 4 -13.69 12.74 -18.73
C GLU A 4 -12.40 12.28 -18.10
N MET A 5 -12.16 12.68 -16.86
CA MET A 5 -10.94 12.28 -16.20
C MET A 5 -10.95 10.78 -16.05
N ARG A 6 -12.15 10.24 -15.87
CA ARG A 6 -12.37 8.81 -15.73
C ARG A 6 -11.93 8.13 -17.03
N ASP A 7 -12.39 8.69 -18.15
CA ASP A 7 -12.06 8.14 -19.46
C ASP A 7 -10.56 8.17 -19.70
N ARG A 8 -9.90 9.23 -19.26
CA ARG A 8 -8.47 9.37 -19.45
C ARG A 8 -7.65 8.40 -18.59
N ILE A 9 -8.09 8.19 -17.36
CA ILE A 9 -7.39 7.27 -16.46
C ILE A 9 -7.60 5.84 -16.96
N GLU A 10 -8.82 5.54 -17.41
CA GLU A 10 -9.11 4.21 -17.94
C GLU A 10 -8.25 3.99 -19.19
N SER A 11 -8.08 5.06 -19.97
CA SER A 11 -7.28 5.01 -21.19
C SER A 11 -5.81 4.70 -20.87
N MET A 12 -5.29 5.36 -19.85
CA MET A 12 -3.91 5.16 -19.44
C MET A 12 -3.74 3.73 -18.96
N PHE A 13 -4.70 3.25 -18.16
CA PHE A 13 -4.62 1.89 -17.66
C PHE A 13 -4.62 0.91 -18.82
N LEU A 14 -5.55 1.10 -19.76
CA LEU A 14 -5.63 0.20 -20.90
C LEU A 14 -4.40 0.26 -21.80
N GLU A 15 -3.78 1.42 -21.91
CA GLU A 15 -2.59 1.53 -22.74
C GLU A 15 -1.50 0.66 -22.10
N SER A 16 -1.38 0.74 -20.77
CA SER A 16 -0.38 -0.07 -20.07
C SER A 16 -0.78 -1.55 -20.15
N TRP A 17 -2.07 -1.83 -19.94
CA TRP A 17 -2.56 -3.19 -19.95
C TRP A 17 -2.50 -3.90 -21.31
N ARG A 18 -2.82 -3.18 -22.38
CA ARG A 18 -2.77 -3.77 -23.71
C ARG A 18 -1.34 -4.14 -24.06
N ASP A 19 -0.40 -3.27 -23.70
CA ASP A 19 1.01 -3.51 -23.99
C ASP A 19 1.51 -4.71 -23.20
N TYR A 20 1.15 -4.78 -21.91
CA TYR A 20 1.56 -5.89 -21.07
C TYR A 20 0.96 -7.21 -21.57
N SER A 21 -0.32 -7.18 -21.90
CA SER A 21 -1.00 -8.39 -22.38
C SER A 21 -0.41 -8.87 -23.69
N LYS A 22 -0.02 -7.93 -24.54
CA LYS A 22 0.55 -8.29 -25.84
C LYS A 22 1.94 -8.88 -25.73
N HIS A 23 2.78 -8.29 -24.89
CA HIS A 23 4.17 -8.74 -24.75
C HIS A 23 4.62 -9.56 -23.55
N GLY A 24 4.05 -9.30 -22.37
CA GLY A 24 4.47 -10.04 -21.20
C GLY A 24 3.38 -10.77 -20.45
N TRP A 25 2.34 -11.21 -21.17
CA TRP A 25 1.24 -11.90 -20.54
C TRP A 25 1.65 -13.13 -19.73
N GLY A 26 1.25 -13.13 -18.46
CA GLY A 26 1.56 -14.25 -17.59
C GLY A 26 2.87 -14.12 -16.84
N TYR A 27 3.61 -13.06 -17.11
CA TYR A 27 4.90 -12.85 -16.43
C TYR A 27 4.85 -11.89 -15.24
N ASP A 28 5.66 -12.21 -14.23
CA ASP A 28 5.75 -11.44 -12.99
C ASP A 28 6.38 -10.06 -13.12
N VAL A 29 7.39 -9.97 -13.96
CA VAL A 29 8.13 -8.74 -14.17
C VAL A 29 8.08 -8.33 -15.63
N TYR A 30 7.84 -7.04 -15.86
CA TYR A 30 7.72 -6.58 -17.23
C TYR A 30 8.33 -5.20 -17.45
N GLY A 31 9.11 -5.09 -18.52
CA GLY A 31 9.74 -3.83 -18.87
C GLY A 31 9.08 -3.29 -20.13
N PRO A 32 8.32 -2.19 -20.03
CA PRO A 32 7.62 -1.58 -21.16
C PRO A 32 8.48 -1.04 -22.30
N ILE A 33 9.65 -0.49 -21.96
CA ILE A 33 10.53 0.07 -22.98
C ILE A 33 10.96 -0.95 -24.01
N GLU A 34 11.50 -2.07 -23.53
CA GLU A 34 11.98 -3.13 -24.41
C GLU A 34 10.99 -4.28 -24.58
N HIS A 35 9.86 -4.20 -23.88
CA HIS A 35 8.81 -5.24 -23.94
C HIS A 35 9.34 -6.58 -23.46
N THR A 36 10.25 -6.56 -22.50
CA THR A 36 10.85 -7.78 -21.95
C THR A 36 10.17 -8.22 -20.66
N SER A 37 10.31 -9.50 -20.34
CA SER A 37 9.67 -10.03 -19.12
C SER A 37 10.32 -11.32 -18.62
N HIS A 38 10.04 -11.62 -17.35
CA HIS A 38 10.53 -12.85 -16.73
C HIS A 38 9.75 -13.09 -15.45
N ASN A 39 9.84 -14.29 -14.91
CA ASN A 39 9.16 -14.62 -13.67
C ASN A 39 10.18 -14.57 -12.54
N MET A 40 9.69 -14.39 -11.31
CA MET A 40 10.56 -14.27 -10.16
C MET A 40 11.15 -15.58 -9.62
N PRO A 41 10.34 -16.64 -9.50
CA PRO A 41 10.86 -17.91 -8.98
C PRO A 41 12.02 -18.46 -9.82
N ARG A 42 13.02 -18.99 -9.13
CA ARG A 42 14.19 -19.55 -9.79
C ARG A 42 13.79 -20.55 -10.88
N GLY A 43 12.70 -21.28 -10.65
CA GLY A 43 12.23 -22.26 -11.61
C GLY A 43 11.45 -21.69 -12.78
N ASN A 44 11.25 -20.37 -12.77
CA ASN A 44 10.53 -19.68 -13.84
C ASN A 44 9.01 -19.83 -13.84
N GLN A 45 8.44 -20.38 -12.77
CA GLN A 45 6.99 -20.51 -12.72
C GLN A 45 6.45 -19.14 -12.32
N PRO A 46 5.29 -18.75 -12.87
CA PRO A 46 4.72 -17.44 -12.54
C PRO A 46 4.03 -17.38 -11.18
N LEU A 47 4.01 -16.18 -10.61
CA LEU A 47 3.36 -15.95 -9.33
C LEU A 47 2.09 -15.16 -9.56
N GLY A 48 1.94 -14.64 -10.77
CA GLY A 48 0.79 -13.82 -11.13
C GLY A 48 0.96 -12.42 -10.56
N TRP A 49 2.21 -12.03 -10.35
CA TRP A 49 2.53 -10.74 -9.75
C TRP A 49 1.80 -9.52 -10.31
N ILE A 50 1.67 -9.46 -11.63
CA ILE A 50 0.99 -8.33 -12.24
C ILE A 50 -0.49 -8.57 -12.45
N ILE A 51 -0.84 -9.74 -12.99
CA ILE A 51 -2.25 -10.07 -13.26
C ILE A 51 -3.13 -10.07 -12.01
N VAL A 52 -2.74 -10.82 -11.00
CA VAL A 52 -3.51 -10.88 -9.75
C VAL A 52 -3.60 -9.53 -9.04
N ASP A 53 -2.53 -8.76 -9.10
CA ASP A 53 -2.52 -7.45 -8.45
C ASP A 53 -3.44 -6.47 -9.18
N SER A 54 -3.68 -6.72 -10.47
CA SER A 54 -4.48 -5.82 -11.30
C SER A 54 -5.95 -6.18 -11.53
N VAL A 55 -6.33 -7.42 -11.25
CA VAL A 55 -7.71 -7.86 -11.48
C VAL A 55 -8.77 -6.96 -10.88
N ASP A 56 -8.63 -6.58 -9.61
CA ASP A 56 -9.65 -5.73 -9.02
C ASP A 56 -9.75 -4.34 -9.64
N THR A 57 -8.64 -3.84 -10.20
CA THR A 57 -8.70 -2.54 -10.85
C THR A 57 -9.52 -2.69 -12.14
N LEU A 58 -9.37 -3.84 -12.80
CA LEU A 58 -10.11 -4.11 -14.02
C LEU A 58 -11.59 -4.15 -13.68
N MET A 59 -11.92 -4.79 -12.56
CA MET A 59 -13.32 -4.91 -12.14
C MET A 59 -13.92 -3.55 -11.79
N LEU A 60 -13.16 -2.70 -11.10
CA LEU A 60 -13.65 -1.38 -10.72
C LEU A 60 -13.91 -0.53 -11.97
N MET A 61 -13.00 -0.58 -12.93
CA MET A 61 -13.18 0.19 -14.15
C MET A 61 -14.28 -0.39 -15.02
N TYR A 62 -14.38 -1.72 -15.08
CA TYR A 62 -15.43 -2.38 -15.85
C TYR A 62 -16.78 -1.89 -15.32
N ASN A 63 -16.83 -1.71 -14.03
CA ASN A 63 -18.05 -1.28 -13.38
C ASN A 63 -18.56 0.12 -13.68
N SER A 64 -17.66 1.04 -14.04
CA SER A 64 -18.08 2.41 -14.33
C SER A 64 -17.69 2.95 -15.70
N SER A 65 -16.95 2.18 -16.48
CA SER A 65 -16.53 2.63 -17.80
C SER A 65 -17.71 2.83 -18.75
N THR A 66 -17.63 3.89 -19.56
CA THR A 66 -18.68 4.18 -20.52
C THR A 66 -18.15 4.01 -21.94
N LEU A 67 -16.82 4.01 -22.07
CA LEU A 67 -16.19 3.86 -23.39
C LEU A 67 -15.53 2.49 -23.60
N TYR A 68 -15.07 1.87 -22.52
CA TYR A 68 -14.39 0.58 -22.66
C TYR A 68 -14.93 -0.56 -21.81
N LYS A 69 -16.19 -0.46 -21.39
CA LYS A 69 -16.76 -1.50 -20.55
C LYS A 69 -16.56 -2.91 -21.10
N SER A 70 -16.77 -3.07 -22.41
CA SER A 70 -16.62 -4.38 -23.04
C SER A 70 -15.19 -4.89 -23.00
N GLU A 71 -14.23 -4.00 -23.18
CA GLU A 71 -12.83 -4.40 -23.15
C GLU A 71 -12.46 -4.86 -21.74
N PHE A 72 -12.83 -4.06 -20.74
CA PHE A 72 -12.52 -4.41 -19.36
C PHE A 72 -13.12 -5.78 -19.01
N GLU A 73 -14.35 -6.04 -19.47
CA GLU A 73 -14.98 -7.32 -19.18
C GLU A 73 -14.19 -8.48 -19.77
N ALA A 74 -13.74 -8.32 -21.00
CA ALA A 74 -12.97 -9.37 -21.67
C ALA A 74 -11.65 -9.62 -20.95
N GLU A 75 -11.02 -8.54 -20.50
CA GLU A 75 -9.74 -8.66 -19.80
C GLU A 75 -9.91 -9.32 -18.44
N ILE A 76 -11.06 -9.11 -17.80
CA ILE A 76 -11.32 -9.75 -16.52
C ILE A 76 -11.42 -11.24 -16.78
N GLN A 77 -12.09 -11.60 -17.87
CA GLN A 77 -12.24 -13.00 -18.24
C GLN A 77 -10.88 -13.61 -18.56
N ARG A 78 -10.07 -12.86 -19.30
CA ARG A 78 -8.73 -13.32 -19.67
C ARG A 78 -7.92 -13.60 -18.41
N SER A 79 -7.95 -12.66 -17.48
CA SER A 79 -7.22 -12.79 -16.22
C SER A 79 -7.72 -13.96 -15.37
N GLU A 80 -9.04 -14.09 -15.29
CA GLU A 80 -9.65 -15.15 -14.48
C GLU A 80 -9.32 -16.56 -14.98
N HIS A 81 -9.38 -16.76 -16.29
CA HIS A 81 -9.07 -18.06 -16.86
C HIS A 81 -7.61 -18.40 -16.61
N TRP A 82 -6.74 -17.41 -16.71
CA TRP A 82 -5.32 -17.62 -16.48
C TRP A 82 -5.07 -17.98 -15.02
N ILE A 83 -5.69 -17.24 -14.11
CA ILE A 83 -5.55 -17.50 -12.69
C ILE A 83 -6.05 -18.90 -12.35
N ASN A 84 -7.12 -19.32 -13.01
CA ASN A 84 -7.70 -20.62 -12.75
C ASN A 84 -6.97 -21.80 -13.40
N ASP A 85 -6.57 -21.62 -14.66
CA ASP A 85 -5.92 -22.69 -15.43
C ASP A 85 -4.39 -22.74 -15.49
N VAL A 86 -3.75 -21.59 -15.37
CA VAL A 86 -2.29 -21.55 -15.45
C VAL A 86 -1.58 -21.34 -14.13
N LEU A 87 -1.98 -20.29 -13.41
CA LEU A 87 -1.36 -19.98 -12.12
C LEU A 87 -1.39 -21.18 -11.18
N ASP A 88 -0.24 -21.48 -10.58
CA ASP A 88 -0.11 -22.60 -9.65
C ASP A 88 0.89 -22.21 -8.58
N PHE A 89 0.43 -22.06 -7.34
CA PHE A 89 1.32 -21.67 -6.26
C PHE A 89 2.13 -22.79 -5.63
N ASP A 90 1.99 -24.01 -6.14
CA ASP A 90 2.79 -25.10 -5.61
C ASP A 90 4.14 -24.95 -6.32
N ILE A 91 4.90 -23.95 -5.87
CA ILE A 91 6.20 -23.63 -6.44
C ILE A 91 7.34 -23.87 -5.47
N ASP A 92 8.36 -24.60 -5.92
CA ASP A 92 9.52 -24.87 -5.09
C ASP A 92 10.44 -23.65 -5.13
N ALA A 93 10.01 -22.60 -4.46
CA ALA A 93 10.76 -21.35 -4.41
C ALA A 93 10.41 -20.59 -3.14
N GLU A 94 11.39 -19.85 -2.63
CA GLU A 94 11.18 -19.05 -1.44
C GLU A 94 10.66 -17.68 -1.86
N VAL A 95 9.58 -17.25 -1.22
CA VAL A 95 8.98 -15.96 -1.53
C VAL A 95 8.82 -15.15 -0.25
N ASN A 96 8.80 -13.83 -0.38
CA ASN A 96 8.65 -12.95 0.77
C ASN A 96 7.20 -13.09 1.25
N VAL A 97 7.03 -13.44 2.52
CA VAL A 97 5.70 -13.61 3.08
C VAL A 97 4.86 -12.34 2.96
N PHE A 98 5.46 -11.20 3.32
CA PHE A 98 4.76 -9.92 3.24
C PHE A 98 4.28 -9.57 1.83
N GLU A 99 5.20 -9.50 0.87
CA GLU A 99 4.81 -9.15 -0.49
C GLU A 99 3.77 -10.09 -1.09
N THR A 100 3.96 -11.39 -0.90
CA THR A 100 3.04 -12.36 -1.46
C THR A 100 1.67 -12.24 -0.79
N THR A 101 1.66 -11.92 0.50
CA THR A 101 0.40 -11.76 1.23
C THR A 101 -0.35 -10.50 0.79
N ILE A 102 0.33 -9.37 0.73
CA ILE A 102 -0.35 -8.14 0.37
C ILE A 102 -0.72 -8.01 -1.11
N ARG A 103 0.09 -8.56 -1.99
CA ARG A 103 -0.21 -8.47 -3.41
C ARG A 103 -1.05 -9.64 -3.92
N MET A 104 -0.55 -10.86 -3.75
CA MET A 104 -1.26 -12.02 -4.25
C MET A 104 -2.45 -12.48 -3.41
N LEU A 105 -2.25 -12.72 -2.13
CA LEU A 105 -3.38 -13.15 -1.30
C LEU A 105 -4.40 -12.01 -1.26
N GLY A 106 -3.92 -10.79 -1.04
CA GLY A 106 -4.83 -9.65 -0.99
C GLY A 106 -5.57 -9.42 -2.29
N GLY A 107 -4.87 -9.56 -3.42
CA GLY A 107 -5.50 -9.35 -4.72
C GLY A 107 -6.55 -10.40 -5.04
N LEU A 108 -6.32 -11.63 -4.59
CA LEU A 108 -7.29 -12.69 -4.83
C LEU A 108 -8.52 -12.46 -3.97
N LEU A 109 -8.30 -11.94 -2.76
CA LEU A 109 -9.41 -11.68 -1.85
C LEU A 109 -10.28 -10.51 -2.33
N SER A 110 -9.65 -9.47 -2.85
CA SER A 110 -10.41 -8.32 -3.33
C SER A 110 -11.10 -8.66 -4.65
N ALA A 111 -10.48 -9.55 -5.44
CA ALA A 111 -11.07 -9.96 -6.71
C ALA A 111 -12.31 -10.77 -6.37
N TYR A 112 -12.22 -11.59 -5.31
CA TYR A 112 -13.37 -12.38 -4.89
C TYR A 112 -14.49 -11.43 -4.45
N HIS A 113 -14.14 -10.47 -3.61
CA HIS A 113 -15.09 -9.50 -3.09
C HIS A 113 -15.82 -8.73 -4.20
N LEU A 114 -15.05 -8.15 -5.12
CA LEU A 114 -15.63 -7.39 -6.22
C LEU A 114 -16.40 -8.27 -7.19
N SER A 115 -15.92 -9.50 -7.39
CA SER A 115 -16.60 -10.43 -8.27
C SER A 115 -17.97 -10.69 -7.66
N ASP A 116 -17.99 -10.72 -6.33
CA ASP A 116 -19.20 -10.97 -5.55
C ASP A 116 -20.18 -9.79 -5.60
N VAL A 117 -19.74 -8.62 -5.15
CA VAL A 117 -20.60 -7.45 -5.11
C VAL A 117 -20.91 -6.85 -6.48
N LEU A 118 -20.06 -7.08 -7.47
CA LEU A 118 -20.28 -6.53 -8.80
C LEU A 118 -20.87 -7.56 -9.76
N GLU A 119 -20.94 -8.81 -9.31
CA GLU A 119 -21.49 -9.91 -10.11
C GLU A 119 -20.84 -10.01 -11.48
N VAL A 120 -19.52 -10.00 -11.50
CA VAL A 120 -18.77 -10.12 -12.75
C VAL A 120 -17.73 -11.19 -12.51
N GLY A 121 -17.67 -12.16 -13.43
CA GLY A 121 -16.71 -13.23 -13.29
C GLY A 121 -17.18 -14.31 -12.33
N ASN A 122 -16.26 -15.19 -11.96
CA ASN A 122 -16.58 -16.29 -11.07
C ASN A 122 -15.80 -16.18 -9.76
N LYS A 123 -16.42 -15.59 -8.74
CA LYS A 123 -15.77 -15.39 -7.45
C LYS A 123 -15.11 -16.64 -6.87
N THR A 124 -15.70 -17.80 -7.11
CA THR A 124 -15.18 -19.06 -6.59
C THR A 124 -13.73 -19.31 -7.04
N VAL A 125 -13.42 -18.92 -8.27
CA VAL A 125 -12.06 -19.11 -8.78
C VAL A 125 -11.07 -18.44 -7.84
N TYR A 126 -11.34 -17.19 -7.50
CA TYR A 126 -10.45 -16.41 -6.63
C TYR A 126 -10.39 -16.91 -5.19
N LEU A 127 -11.54 -17.29 -4.64
CA LEU A 127 -11.57 -17.76 -3.27
C LEU A 127 -10.78 -19.05 -3.10
N ASN A 128 -10.96 -19.99 -4.03
CA ASN A 128 -10.25 -21.26 -3.95
C ASN A 128 -8.75 -21.02 -4.03
N LYS A 129 -8.35 -20.11 -4.92
CA LYS A 129 -6.95 -19.78 -5.10
C LYS A 129 -6.41 -19.14 -3.82
N ALA A 130 -7.23 -18.28 -3.20
CA ALA A 130 -6.84 -17.61 -1.97
C ALA A 130 -6.67 -18.57 -0.80
N ILE A 131 -7.56 -19.56 -0.70
CA ILE A 131 -7.46 -20.54 0.38
C ILE A 131 -6.17 -21.34 0.27
N ASP A 132 -5.84 -21.76 -0.94
CA ASP A 132 -4.62 -22.54 -1.16
C ASP A 132 -3.35 -21.72 -0.88
N LEU A 133 -3.31 -20.49 -1.38
CA LEU A 133 -2.14 -19.65 -1.15
C LEU A 133 -2.05 -19.29 0.33
N GLY A 134 -3.19 -18.99 0.93
CA GLY A 134 -3.21 -18.63 2.35
C GLY A 134 -2.65 -19.76 3.20
N ASP A 135 -2.93 -21.00 2.82
CA ASP A 135 -2.43 -22.14 3.56
C ASP A 135 -0.92 -22.26 3.41
N ARG A 136 -0.42 -21.99 2.21
CA ARG A 136 1.03 -22.06 1.97
C ARG A 136 1.74 -20.97 2.76
N LEU A 137 1.16 -19.78 2.78
CA LEU A 137 1.75 -18.66 3.52
C LEU A 137 1.66 -18.84 5.03
N ALA A 138 0.53 -19.40 5.50
CA ALA A 138 0.32 -19.59 6.93
C ALA A 138 1.36 -20.45 7.62
N LEU A 139 2.02 -21.33 6.87
CA LEU A 139 3.05 -22.19 7.45
C LEU A 139 4.20 -21.37 8.03
N ALA A 140 4.31 -20.12 7.60
CA ALA A 140 5.37 -19.24 8.10
C ALA A 140 5.22 -18.96 9.59
N PHE A 141 3.99 -19.02 10.10
CA PHE A 141 3.75 -18.73 11.51
C PHE A 141 4.13 -19.87 12.46
N LEU A 142 4.58 -21.00 11.91
CA LEU A 142 4.95 -22.16 12.72
C LEU A 142 6.46 -22.28 12.97
N SER A 143 7.23 -21.35 12.42
CA SER A 143 8.69 -21.39 12.55
C SER A 143 9.28 -20.96 13.89
N THR A 144 8.69 -19.94 14.52
CA THR A 144 9.21 -19.43 15.79
C THR A 144 8.28 -19.66 16.97
N GLN A 145 8.85 -19.58 18.17
CA GLN A 145 8.08 -19.79 19.40
C GLN A 145 7.20 -18.58 19.69
N THR A 146 7.63 -17.40 19.25
CA THR A 146 6.88 -16.17 19.47
C THR A 146 5.68 -16.05 18.54
N GLY A 147 5.76 -16.71 17.39
CA GLY A 147 4.68 -16.62 16.44
C GLY A 147 5.02 -15.63 15.34
N ILE A 148 6.12 -14.91 15.54
CA ILE A 148 6.58 -13.93 14.55
C ILE A 148 7.30 -14.72 13.46
N PRO A 149 6.82 -14.60 12.21
CA PRO A 149 7.41 -15.31 11.07
C PRO A 149 8.73 -14.78 10.55
N TYR A 150 9.50 -15.69 9.94
CA TYR A 150 10.75 -15.32 9.30
C TYR A 150 10.31 -14.64 8.02
N SER A 151 11.20 -13.90 7.38
CA SER A 151 10.87 -13.16 6.18
C SER A 151 10.35 -13.94 4.96
N SER A 152 10.91 -15.12 4.70
CA SER A 152 10.51 -15.89 3.53
C SER A 152 10.03 -17.31 3.81
N ILE A 153 9.31 -17.87 2.84
CA ILE A 153 8.81 -19.23 2.97
C ILE A 153 8.75 -19.92 1.61
N ASN A 154 8.99 -21.22 1.60
CA ASN A 154 8.94 -22.00 0.37
C ASN A 154 7.49 -22.40 0.17
N LEU A 155 6.92 -22.01 -0.97
CA LEU A 155 5.52 -22.30 -1.25
C LEU A 155 5.19 -23.78 -1.40
N HIS A 156 6.19 -24.59 -1.75
CA HIS A 156 5.96 -26.02 -1.92
C HIS A 156 6.21 -26.84 -0.65
N SER A 157 7.36 -26.62 -0.02
CA SER A 157 7.72 -27.37 1.19
C SER A 157 7.19 -26.80 2.50
N GLY A 158 7.03 -25.49 2.56
CA GLY A 158 6.54 -24.88 3.79
C GLY A 158 7.69 -24.52 4.72
N GLN A 159 8.92 -24.63 4.20
CA GLN A 159 10.12 -24.31 4.97
C GLN A 159 10.30 -22.80 5.06
N ALA A 160 10.50 -22.29 6.27
CA ALA A 160 10.69 -20.87 6.48
C ALA A 160 12.17 -20.49 6.53
N VAL A 161 12.49 -19.26 6.12
CA VAL A 161 13.86 -18.78 6.12
C VAL A 161 13.98 -17.32 6.57
N LYS A 162 14.85 -17.08 7.53
CA LYS A 162 15.09 -15.74 8.09
C LYS A 162 15.59 -14.74 7.07
N ASN A 163 15.48 -13.47 7.40
CA ASN A 163 15.95 -12.38 6.55
C ASN A 163 17.45 -12.64 6.37
N HIS A 164 17.91 -12.61 5.13
CA HIS A 164 19.32 -12.85 4.85
C HIS A 164 20.25 -11.87 5.55
N ALA A 165 19.78 -10.63 5.71
CA ALA A 165 20.59 -9.60 6.35
C ALA A 165 19.98 -9.16 7.67
N ASP A 166 20.55 -8.10 8.24
CA ASP A 166 20.07 -7.53 9.49
C ASP A 166 20.15 -8.48 10.68
N GLY A 167 21.18 -9.32 10.69
CA GLY A 167 21.35 -10.26 11.78
C GLY A 167 20.25 -11.30 11.86
N GLY A 168 19.46 -11.42 10.79
CA GLY A 168 18.39 -12.40 10.78
C GLY A 168 17.07 -11.86 11.31
N ALA A 169 17.04 -10.55 11.58
CA ALA A 169 15.83 -9.94 12.08
C ALA A 169 14.81 -9.77 10.96
N SER A 170 13.53 -9.82 11.32
CA SER A 170 12.47 -9.64 10.35
C SER A 170 12.11 -8.16 10.36
N SER A 171 11.56 -7.66 9.26
CA SER A 171 11.17 -6.27 9.19
C SER A 171 9.86 -6.15 9.93
N THR A 172 9.79 -5.22 10.86
CA THR A 172 8.59 -5.06 11.69
C THR A 172 7.29 -4.94 10.92
N ALA A 173 7.25 -4.08 9.91
CA ALA A 173 6.05 -3.91 9.11
C ALA A 173 5.68 -5.18 8.34
N GLU A 174 6.68 -5.99 8.00
CA GLU A 174 6.41 -7.20 7.23
C GLU A 174 5.55 -8.25 7.93
N PHE A 175 5.61 -8.34 9.26
CA PHE A 175 4.77 -9.32 9.92
C PHE A 175 3.57 -8.66 10.61
N THR A 176 3.47 -7.34 10.47
CA THR A 176 2.34 -6.61 11.04
C THR A 176 1.51 -5.99 9.93
N THR A 177 1.68 -6.50 8.71
CA THR A 177 0.91 -6.04 7.57
C THR A 177 0.40 -7.27 6.84
N LEU A 178 -0.06 -8.25 7.63
CA LEU A 178 -0.59 -9.50 7.11
C LEU A 178 -1.99 -9.77 7.68
N GLN A 179 -2.37 -8.97 8.66
CA GLN A 179 -3.61 -9.16 9.38
C GLN A 179 -4.94 -8.98 8.64
N MET A 180 -5.03 -7.98 7.76
CA MET A 180 -6.26 -7.78 7.01
C MET A 180 -6.57 -8.99 6.14
N GLU A 181 -5.53 -9.46 5.46
CA GLU A 181 -5.65 -10.58 4.54
C GLU A 181 -6.04 -11.88 5.21
N PHE A 182 -5.30 -12.27 6.25
CA PHE A 182 -5.61 -13.51 6.94
C PHE A 182 -6.91 -13.45 7.73
N LYS A 183 -7.26 -12.27 8.26
CA LYS A 183 -8.51 -12.18 9.00
C LYS A 183 -9.70 -12.24 8.05
N TYR A 184 -9.61 -11.60 6.88
CA TYR A 184 -10.72 -11.65 5.92
C TYR A 184 -10.85 -13.09 5.42
N LEU A 185 -9.72 -13.78 5.24
CA LEU A 185 -9.76 -15.17 4.79
C LEU A 185 -10.41 -16.03 5.88
N ALA A 186 -10.14 -15.72 7.15
CA ALA A 186 -10.74 -16.47 8.26
C ALA A 186 -12.25 -16.28 8.23
N TYR A 187 -12.67 -15.05 7.93
CA TYR A 187 -14.08 -14.67 7.85
C TYR A 187 -14.81 -15.42 6.74
N LEU A 188 -14.16 -15.54 5.57
CA LEU A 188 -14.77 -16.21 4.43
C LEU A 188 -14.81 -17.72 4.58
N THR A 189 -13.83 -18.30 5.24
CA THR A 189 -13.76 -19.74 5.42
C THR A 189 -14.27 -20.23 6.77
N GLY A 190 -14.43 -19.31 7.72
CA GLY A 190 -14.88 -19.71 9.05
C GLY A 190 -13.73 -20.40 9.75
N ASN A 191 -12.54 -20.29 9.16
CA ASN A 191 -11.35 -20.93 9.70
C ASN A 191 -10.61 -20.00 10.66
N ARG A 192 -10.79 -20.23 11.95
CA ARG A 192 -10.15 -19.40 12.98
C ARG A 192 -8.63 -19.43 13.00
N THR A 193 -8.03 -20.50 12.51
CA THR A 193 -6.58 -20.61 12.53
C THR A 193 -5.86 -19.43 11.85
N TYR A 194 -6.36 -18.97 10.72
CA TYR A 194 -5.72 -17.85 10.03
C TYR A 194 -5.70 -16.61 10.91
N TRP A 195 -6.82 -16.38 11.60
CA TRP A 195 -6.99 -15.24 12.48
C TRP A 195 -6.07 -15.33 13.71
N GLU A 196 -6.06 -16.49 14.34
CA GLU A 196 -5.24 -16.71 15.54
C GLU A 196 -3.74 -16.55 15.26
N LEU A 197 -3.28 -17.11 14.15
CA LEU A 197 -1.88 -17.04 13.80
C LEU A 197 -1.42 -15.61 13.52
N VAL A 198 -2.22 -14.85 12.79
CA VAL A 198 -1.83 -13.49 12.44
C VAL A 198 -1.94 -12.48 13.59
N GLU A 199 -2.86 -12.71 14.54
CA GLU A 199 -2.98 -11.77 15.65
C GLU A 199 -1.92 -12.04 16.73
N ARG A 200 -1.37 -13.25 16.72
CA ARG A 200 -0.38 -13.66 17.70
C ARG A 200 0.92 -12.84 17.76
N VAL A 201 1.32 -12.26 16.63
CA VAL A 201 2.56 -11.49 16.57
C VAL A 201 2.65 -10.25 17.48
N TYR A 202 1.51 -9.66 17.81
CA TYR A 202 1.50 -8.45 18.62
C TYR A 202 1.93 -8.55 20.08
N GLU A 203 1.48 -9.60 20.77
CA GLU A 203 1.80 -9.73 22.18
C GLU A 203 3.31 -9.70 22.45
N PRO A 204 4.08 -10.59 21.79
CA PRO A 204 5.52 -10.53 22.07
C PRO A 204 6.12 -9.19 21.66
N LEU A 205 5.65 -8.63 20.55
CA LEU A 205 6.15 -7.35 20.07
C LEU A 205 5.95 -6.26 21.11
N TYR A 206 4.74 -6.17 21.65
CA TYR A 206 4.45 -5.14 22.65
C TYR A 206 5.03 -5.42 24.03
N LYS A 207 4.88 -6.67 24.49
CA LYS A 207 5.35 -7.05 25.81
C LYS A 207 6.86 -7.18 25.98
N ASN A 208 7.51 -7.86 25.04
CA ASN A 208 8.95 -8.07 25.13
C ASN A 208 9.80 -6.82 24.95
N ASN A 209 9.20 -5.79 24.35
CA ASN A 209 9.92 -4.55 24.09
C ASN A 209 9.41 -3.36 24.90
N ASP A 210 8.36 -3.57 25.69
CA ASP A 210 7.77 -2.49 26.48
C ASP A 210 7.52 -1.37 25.47
N LEU A 211 6.91 -1.74 24.35
CA LEU A 211 6.64 -0.81 23.25
C LEU A 211 5.88 0.47 23.62
N LEU A 212 4.78 0.34 24.36
CA LEU A 212 4.02 1.54 24.72
C LEU A 212 4.78 2.49 25.63
N ASN A 213 5.33 1.96 26.71
CA ASN A 213 6.04 2.77 27.69
C ASN A 213 7.39 3.31 27.23
N THR A 214 8.25 2.43 26.73
CA THR A 214 9.58 2.82 26.30
C THR A 214 9.66 3.54 24.95
N TYR A 215 8.90 3.08 23.97
CA TYR A 215 8.95 3.67 22.63
C TYR A 215 7.76 4.54 22.24
N ASP A 216 6.83 4.75 23.17
CA ASP A 216 5.63 5.53 22.89
C ASP A 216 4.93 5.02 21.64
N GLY A 217 4.93 3.71 21.47
CA GLY A 217 4.28 3.09 20.32
C GLY A 217 4.97 3.25 18.97
N LEU A 218 6.23 3.68 18.98
CA LEU A 218 6.98 3.86 17.74
C LEU A 218 7.94 2.69 17.59
N VAL A 219 7.83 1.97 16.48
CA VAL A 219 8.64 0.78 16.28
C VAL A 219 9.92 0.82 15.47
N PRO A 220 11.00 0.24 16.02
CA PRO A 220 12.26 0.21 15.26
C PRO A 220 11.88 -0.74 14.11
N ILE A 221 12.48 -0.56 12.94
CA ILE A 221 12.12 -1.37 11.77
C ILE A 221 12.54 -2.83 11.74
N TYR A 222 13.34 -3.26 12.71
CA TYR A 222 13.77 -4.65 12.75
C TYR A 222 13.44 -5.30 14.08
N THR A 223 12.90 -6.52 14.00
CA THR A 223 12.54 -7.28 15.19
C THR A 223 13.02 -8.72 15.01
N PHE A 224 13.74 -9.25 15.99
CA PHE A 224 14.21 -10.63 15.90
C PHE A 224 13.04 -11.56 16.17
N PRO A 225 12.74 -12.46 15.22
CA PRO A 225 11.62 -13.41 15.34
C PRO A 225 11.65 -14.35 16.54
N ASP A 226 12.82 -14.92 16.82
CA ASP A 226 12.95 -15.87 17.92
C ASP A 226 12.71 -15.28 19.30
N THR A 227 13.11 -14.02 19.50
CA THR A 227 12.95 -13.37 20.80
C THR A 227 11.85 -12.33 20.84
N GLY A 228 11.46 -11.84 19.67
CA GLY A 228 10.43 -10.82 19.61
C GLY A 228 10.97 -9.46 20.01
N LYS A 229 12.29 -9.37 20.20
CA LYS A 229 12.92 -8.13 20.61
C LYS A 229 13.43 -7.30 19.43
N PHE A 230 13.28 -5.99 19.53
CA PHE A 230 13.74 -5.07 18.50
C PHE A 230 15.25 -5.13 18.35
N GLY A 231 15.71 -4.96 17.11
CA GLY A 231 17.14 -4.93 16.87
C GLY A 231 17.51 -3.47 16.76
N ALA A 232 18.77 -3.13 17.05
CA ALA A 232 19.19 -1.74 16.95
C ALA A 232 18.90 -1.33 15.51
N SER A 233 17.96 -0.39 15.35
CA SER A 233 17.58 0.04 14.01
C SER A 233 16.85 1.37 14.03
N THR A 234 16.63 1.91 12.84
CA THR A 234 15.95 3.19 12.70
C THR A 234 14.45 3.09 12.98
N ILE A 235 13.89 4.15 13.53
CA ILE A 235 12.47 4.24 13.81
C ILE A 235 11.98 5.20 12.72
N ARG A 236 11.18 4.69 11.80
CA ARG A 236 10.66 5.52 10.72
C ARG A 236 9.30 5.06 10.24
N PHE A 237 8.57 5.97 9.62
CA PHE A 237 7.26 5.67 9.09
C PHE A 237 7.40 5.32 7.61
N GLY A 238 8.66 5.17 7.18
CA GLY A 238 8.96 4.82 5.80
C GLY A 238 8.98 3.30 5.65
N SER A 239 9.72 2.79 4.65
CA SER A 239 9.74 1.34 4.43
C SER A 239 10.13 0.56 5.69
N ARG A 240 9.48 -0.59 5.85
CA ARG A 240 9.68 -1.52 6.97
C ARG A 240 9.05 -1.06 8.28
N GLY A 241 8.45 0.13 8.27
CA GLY A 241 7.80 0.63 9.47
C GLY A 241 6.37 1.06 9.17
N ASP A 242 6.23 1.85 8.13
CA ASP A 242 4.93 2.38 7.70
C ASP A 242 3.65 1.58 7.95
N SER A 243 3.53 0.41 7.31
CA SER A 243 2.29 -0.36 7.43
C SER A 243 1.97 -1.01 8.77
N PHE A 244 2.92 -0.99 9.70
CA PHE A 244 2.64 -1.52 11.03
C PHE A 244 1.54 -0.60 11.57
N TYR A 245 1.72 0.70 11.39
CA TYR A 245 0.74 1.67 11.87
C TYR A 245 -0.55 1.58 11.07
N GLU A 246 -0.41 1.40 9.77
CA GLU A 246 -1.55 1.30 8.86
C GLU A 246 -2.52 0.21 9.29
N TYR A 247 -1.99 -0.98 9.55
CA TYR A 247 -2.86 -2.08 9.91
C TYR A 247 -3.38 -2.09 11.34
N LEU A 248 -2.88 -1.21 12.20
CA LEU A 248 -3.43 -1.12 13.55
C LEU A 248 -4.81 -0.51 13.33
N LEU A 249 -4.84 0.62 12.64
CA LEU A 249 -6.10 1.28 12.36
C LEU A 249 -6.99 0.45 11.45
N LYS A 250 -6.44 -0.04 10.35
CA LYS A 250 -7.25 -0.80 9.41
C LYS A 250 -7.90 -2.05 9.97
N GLN A 251 -7.31 -2.66 11.00
CA GLN A 251 -7.95 -3.83 11.59
C GLN A 251 -9.22 -3.37 12.30
N TYR A 252 -9.12 -2.24 13.00
CA TYR A 252 -10.29 -1.70 13.69
C TYR A 252 -11.38 -1.37 12.68
N LEU A 253 -11.00 -0.78 11.55
CA LEU A 253 -12.00 -0.42 10.53
C LEU A 253 -12.62 -1.65 9.88
N LEU A 254 -11.84 -2.72 9.78
CA LEU A 254 -12.30 -3.95 9.15
C LEU A 254 -13.10 -4.88 10.06
N THR A 255 -12.62 -5.10 11.28
CA THR A 255 -13.26 -6.02 12.20
C THR A 255 -13.91 -5.40 13.44
N HIS A 256 -13.73 -4.10 13.63
CA HIS A 256 -14.30 -3.39 14.78
C HIS A 256 -13.61 -3.74 16.10
N GLU A 257 -12.45 -4.38 16.03
CA GLU A 257 -11.72 -4.72 17.25
C GLU A 257 -11.12 -3.43 17.80
N THR A 258 -11.70 -2.93 18.88
CA THR A 258 -11.27 -1.68 19.50
C THR A 258 -9.83 -1.67 20.01
N LEU A 259 -9.30 -2.81 20.41
CA LEU A 259 -7.93 -2.84 20.91
C LEU A 259 -6.98 -2.22 19.90
N TYR A 260 -7.17 -2.52 18.62
CA TYR A 260 -6.28 -1.99 17.60
C TYR A 260 -6.41 -0.50 17.41
N TYR A 261 -7.60 0.05 17.65
CA TYR A 261 -7.75 1.48 17.54
C TYR A 261 -6.99 2.15 18.68
N ASP A 262 -7.10 1.56 19.88
CA ASP A 262 -6.40 2.10 21.03
C ASP A 262 -4.89 2.09 20.78
N LEU A 263 -4.38 0.99 20.25
CA LEU A 263 -2.94 0.89 19.96
C LEU A 263 -2.55 1.93 18.90
N TYR A 264 -3.41 2.09 17.90
CA TYR A 264 -3.19 3.07 16.83
C TYR A 264 -3.08 4.47 17.43
N ARG A 265 -4.02 4.81 18.30
CA ARG A 265 -4.02 6.12 18.95
C ARG A 265 -2.70 6.37 19.67
N LYS A 266 -2.22 5.36 20.42
CA LYS A 266 -0.96 5.50 21.14
C LYS A 266 0.19 5.82 20.19
N SER A 267 0.26 5.07 19.07
CA SER A 267 1.34 5.30 18.11
C SER A 267 1.22 6.66 17.45
N MET A 268 -0.01 7.11 17.18
CA MET A 268 -0.19 8.41 16.55
C MET A 268 0.25 9.54 17.46
N GLU A 269 -0.06 9.43 18.75
CA GLU A 269 0.35 10.49 19.67
C GLU A 269 1.87 10.46 19.83
N GLY A 270 2.45 9.26 19.77
CA GLY A 270 3.89 9.14 19.88
C GLY A 270 4.57 9.76 18.66
N MET A 271 3.96 9.57 17.50
CA MET A 271 4.47 10.11 16.24
C MET A 271 4.47 11.63 16.28
N LYS A 272 3.39 12.21 16.80
CA LYS A 272 3.26 13.65 16.89
C LYS A 272 4.28 14.24 17.86
N LYS A 273 4.58 13.49 18.91
CA LYS A 273 5.52 13.92 19.93
C LYS A 273 6.99 13.79 19.56
N HIS A 274 7.35 12.73 18.83
CA HIS A 274 8.76 12.51 18.49
C HIS A 274 9.20 12.64 17.04
N LEU A 275 8.28 12.54 16.08
CA LEU A 275 8.67 12.58 14.68
C LEU A 275 8.13 13.74 13.83
N LEU A 276 7.10 14.39 14.32
CA LEU A 276 6.47 15.48 13.58
C LEU A 276 7.28 16.78 13.60
N ALA A 277 7.35 17.43 12.44
CA ALA A 277 8.08 18.69 12.31
C ALA A 277 7.57 19.46 11.10
N GLN A 278 8.04 20.70 10.94
CA GLN A 278 7.62 21.53 9.83
C GLN A 278 8.83 22.05 9.07
N SER A 279 8.70 22.14 7.74
CA SER A 279 9.78 22.60 6.89
C SER A 279 9.86 24.12 6.73
N LYS A 280 10.97 24.56 6.15
CA LYS A 280 11.21 25.96 5.87
C LYS A 280 11.21 26.06 4.35
N PRO A 281 10.63 27.13 3.78
CA PRO A 281 9.99 28.24 4.48
C PRO A 281 8.46 28.16 4.48
N SER A 282 7.90 27.11 3.87
CA SER A 282 6.46 26.96 3.80
C SER A 282 5.78 26.34 5.01
N SER A 283 6.58 25.90 5.98
CA SER A 283 6.05 25.28 7.19
C SER A 283 5.21 24.04 6.87
N LEU A 284 5.68 23.24 5.92
CA LEU A 284 4.98 22.02 5.54
C LEU A 284 5.20 20.95 6.60
N TRP A 285 4.10 20.31 7.03
CA TRP A 285 4.20 19.26 8.03
C TRP A 285 4.80 18.00 7.43
N TYR A 286 5.74 17.40 8.13
CA TYR A 286 6.36 16.17 7.67
C TYR A 286 6.75 15.29 8.85
N ILE A 287 6.84 14.00 8.61
CA ILE A 287 7.21 13.04 9.63
C ILE A 287 8.66 12.66 9.37
N GLY A 288 9.52 12.88 10.36
CA GLY A 288 10.93 12.57 10.22
C GLY A 288 11.31 11.23 10.81
N GLU A 289 12.60 10.92 10.76
CA GLU A 289 13.12 9.65 11.28
C GLU A 289 14.01 9.83 12.50
N ARG A 290 14.12 8.76 13.29
CA ARG A 290 14.97 8.74 14.48
C ARG A 290 15.88 7.52 14.29
N GLU A 291 17.10 7.76 13.82
CA GLU A 291 18.05 6.68 13.58
C GLU A 291 18.72 6.16 14.84
N GLN A 292 18.76 6.99 15.89
CA GLN A 292 19.41 6.59 17.13
C GLN A 292 18.49 6.68 18.34
N GLY A 293 17.39 5.93 18.30
CA GLY A 293 16.45 5.96 19.40
C GLY A 293 15.68 7.27 19.45
N LEU A 294 14.76 7.37 20.42
CA LEU A 294 13.96 8.58 20.55
C LEU A 294 14.78 9.75 21.12
N HIS A 295 15.86 9.42 21.82
CA HIS A 295 16.71 10.44 22.42
C HIS A 295 17.74 11.00 21.44
N GLY A 296 17.79 10.44 20.23
CA GLY A 296 18.74 10.92 19.24
C GLY A 296 18.15 12.10 18.47
N GLN A 297 18.88 12.57 17.47
CA GLN A 297 18.40 13.70 16.67
C GLN A 297 17.32 13.26 15.68
N LEU A 298 16.54 14.22 15.20
CA LEU A 298 15.47 13.95 14.24
C LEU A 298 15.99 14.19 12.83
N SER A 299 15.81 13.20 11.96
CA SER A 299 16.25 13.32 10.57
C SER A 299 15.08 13.79 9.71
N PRO A 300 15.31 14.81 8.87
CA PRO A 300 14.27 15.36 8.00
C PRO A 300 14.05 14.55 6.72
N LYS A 301 14.71 13.40 6.62
CA LYS A 301 14.57 12.54 5.45
C LYS A 301 13.21 11.84 5.53
N MET A 302 12.50 11.81 4.42
CA MET A 302 11.19 11.16 4.40
C MET A 302 10.92 10.39 3.11
N ASP A 303 10.64 9.10 3.24
CA ASP A 303 10.34 8.25 2.10
C ASP A 303 9.00 8.70 1.53
N HIS A 304 8.83 8.56 0.22
CA HIS A 304 7.56 8.92 -0.38
C HIS A 304 6.50 7.98 0.21
N LEU A 305 6.94 6.81 0.66
CA LEU A 305 6.04 5.84 1.26
C LEU A 305 5.27 6.43 2.44
N VAL A 306 5.87 7.38 3.15
CA VAL A 306 5.20 7.99 4.30
C VAL A 306 3.93 8.74 3.92
N CYS A 307 3.85 9.15 2.66
CA CYS A 307 2.69 9.91 2.19
C CYS A 307 1.34 9.21 2.35
N PHE A 308 1.33 7.92 2.64
CA PHE A 308 0.06 7.22 2.83
C PHE A 308 -0.61 7.72 4.12
N MET A 309 0.17 8.37 4.97
CA MET A 309 -0.33 8.87 6.24
C MET A 309 -1.48 9.88 6.14
N GLY A 310 -1.54 10.62 5.03
CA GLY A 310 -2.62 11.56 4.87
C GLY A 310 -3.96 10.86 4.90
N GLY A 311 -4.08 9.80 4.08
CA GLY A 311 -5.31 9.04 4.03
C GLY A 311 -5.58 8.23 5.28
N LEU A 312 -4.52 7.74 5.93
CA LEU A 312 -4.70 6.95 7.13
C LEU A 312 -5.26 7.82 8.25
N LEU A 313 -4.65 8.98 8.48
CA LEU A 313 -5.09 9.89 9.52
C LEU A 313 -6.53 10.35 9.28
N ALA A 314 -6.85 10.68 8.03
CA ALA A 314 -8.20 11.13 7.69
C ALA A 314 -9.21 9.99 7.92
N SER A 315 -8.84 8.79 7.50
CA SER A 315 -9.68 7.60 7.66
C SER A 315 -9.93 7.29 9.14
N GLY A 316 -8.87 7.38 9.94
CA GLY A 316 -9.00 7.08 11.35
C GLY A 316 -9.84 8.09 12.12
N SER A 317 -9.81 9.34 11.67
CA SER A 317 -10.55 10.38 12.34
C SER A 317 -12.04 10.36 11.99
N THR A 318 -12.34 10.06 10.73
CA THR A 318 -13.72 10.04 10.23
C THR A 318 -14.38 8.67 10.20
N GLU A 319 -13.56 7.62 10.22
CA GLU A 319 -14.07 6.27 10.13
C GLU A 319 -14.83 6.07 8.82
N GLY A 320 -14.46 6.86 7.81
CA GLY A 320 -15.10 6.76 6.50
C GLY A 320 -16.22 7.74 6.24
N LEU A 321 -16.72 8.38 7.29
CA LEU A 321 -17.80 9.34 7.15
C LEU A 321 -17.33 10.67 6.57
N SER A 322 -18.18 11.31 5.77
CA SER A 322 -17.83 12.61 5.21
C SER A 322 -17.65 13.48 6.45
N ILE A 323 -16.74 14.45 6.41
CA ILE A 323 -16.53 15.29 7.58
C ILE A 323 -17.81 15.93 8.09
N HIS A 324 -18.71 16.28 7.19
CA HIS A 324 -19.97 16.91 7.59
C HIS A 324 -20.61 16.14 8.72
N GLU A 325 -20.58 14.81 8.61
CA GLU A 325 -21.17 13.94 9.61
C GLU A 325 -20.14 13.56 10.69
N ALA A 326 -18.91 13.32 10.27
CA ALA A 326 -17.84 12.93 11.20
C ALA A 326 -17.52 13.98 12.26
N ARG A 327 -17.51 15.24 11.86
CA ARG A 327 -17.20 16.33 12.77
C ARG A 327 -18.08 16.39 14.01
N ARG A 328 -19.24 15.73 13.95
CA ARG A 328 -20.17 15.76 15.07
C ARG A 328 -20.14 14.47 15.91
N ARG A 329 -19.22 13.57 15.58
CA ARG A 329 -19.13 12.30 16.31
C ARG A 329 -18.07 12.36 17.40
N PRO A 330 -18.28 11.61 18.50
CA PRO A 330 -17.32 11.59 19.62
C PRO A 330 -15.94 11.05 19.25
N PHE A 331 -15.90 10.18 18.24
CA PHE A 331 -14.63 9.59 17.84
C PHE A 331 -13.80 10.46 16.90
N PHE A 332 -14.39 11.56 16.43
CA PHE A 332 -13.67 12.44 15.52
C PHE A 332 -12.49 13.10 16.22
N SER A 333 -11.31 13.00 15.58
CA SER A 333 -10.09 13.59 16.10
C SER A 333 -9.74 14.82 15.29
N LYS A 334 -9.89 15.99 15.90
CA LYS A 334 -9.58 17.25 15.22
C LYS A 334 -8.11 17.26 14.82
N SER A 335 -7.26 16.83 15.75
CA SER A 335 -5.81 16.78 15.53
C SER A 335 -5.45 15.92 14.32
N ASP A 336 -5.96 14.69 14.29
CA ASP A 336 -5.68 13.77 13.19
C ASP A 336 -6.16 14.36 11.86
N TRP A 337 -7.35 14.95 11.86
CA TRP A 337 -7.90 15.53 10.64
C TRP A 337 -7.07 16.69 10.11
N ASP A 338 -6.70 17.61 10.98
CA ASP A 338 -5.88 18.74 10.57
C ASP A 338 -4.52 18.26 10.06
N LEU A 339 -3.97 17.23 10.71
CA LEU A 339 -2.68 16.71 10.29
C LEU A 339 -2.82 15.97 8.96
N ALA A 340 -3.95 15.30 8.77
CA ALA A 340 -4.19 14.57 7.52
C ALA A 340 -4.14 15.56 6.36
N LYS A 341 -4.79 16.71 6.53
CA LYS A 341 -4.79 17.72 5.48
C LYS A 341 -3.38 18.24 5.30
N GLY A 342 -2.68 18.42 6.43
CA GLY A 342 -1.32 18.92 6.38
C GLY A 342 -0.37 17.99 5.65
N ILE A 343 -0.38 16.71 6.00
CA ILE A 343 0.51 15.75 5.35
C ILE A 343 0.17 15.56 3.87
N THR A 344 -1.12 15.58 3.54
CA THR A 344 -1.51 15.41 2.15
C THR A 344 -1.02 16.62 1.35
N ASP A 345 -1.06 17.80 1.97
CA ASP A 345 -0.61 19.02 1.30
C ASP A 345 0.89 18.92 1.03
N THR A 346 1.64 18.49 2.04
CA THR A 346 3.09 18.36 1.93
C THR A 346 3.47 17.38 0.81
N CYS A 347 2.78 16.24 0.77
CA CYS A 347 3.06 15.25 -0.25
C CYS A 347 2.69 15.78 -1.63
N TYR A 348 1.63 16.57 -1.71
CA TYR A 348 1.25 17.15 -2.99
C TYR A 348 2.39 18.09 -3.41
N GLN A 349 2.93 18.84 -2.45
CA GLN A 349 4.02 19.78 -2.73
C GLN A 349 5.27 19.06 -3.23
N MET A 350 5.41 17.79 -2.88
CA MET A 350 6.55 17.01 -3.32
C MET A 350 6.44 16.78 -4.83
N TYR A 351 5.24 16.95 -5.36
CA TYR A 351 5.01 16.82 -6.79
C TYR A 351 5.03 18.21 -7.42
N LYS A 352 4.27 19.12 -6.82
CA LYS A 352 4.18 20.50 -7.32
C LYS A 352 5.54 21.20 -7.39
N GLN A 353 6.40 20.94 -6.42
CA GLN A 353 7.72 21.58 -6.40
C GLN A 353 8.78 20.79 -7.14
N SER A 354 8.38 19.68 -7.75
CA SER A 354 9.31 18.85 -8.51
C SER A 354 9.39 19.38 -9.93
N SER A 355 10.58 19.33 -10.51
CA SER A 355 10.80 19.82 -11.86
C SER A 355 9.90 19.10 -12.89
N SER A 356 9.58 17.83 -12.63
CA SER A 356 8.74 17.05 -13.53
C SER A 356 7.30 16.91 -13.04
N GLY A 357 7.02 17.48 -11.87
CA GLY A 357 5.68 17.38 -11.33
C GLY A 357 5.48 16.03 -10.66
N LEU A 358 6.58 15.29 -10.51
CA LEU A 358 6.53 13.98 -9.88
C LEU A 358 7.51 13.90 -8.71
N ALA A 359 7.02 13.41 -7.58
CA ALA A 359 7.86 13.29 -6.40
C ALA A 359 8.79 12.09 -6.51
N PRO A 360 10.06 12.27 -6.12
CA PRO A 360 11.02 11.16 -6.19
C PRO A 360 10.78 10.16 -5.05
N GLU A 361 11.55 9.08 -5.06
CA GLU A 361 11.45 8.03 -4.05
C GLU A 361 11.62 8.51 -2.62
N ILE A 362 12.56 9.43 -2.42
CA ILE A 362 12.85 9.97 -1.10
C ILE A 362 13.21 11.45 -1.20
N VAL A 363 12.81 12.22 -0.19
CA VAL A 363 13.12 13.64 -0.14
C VAL A 363 13.68 13.95 1.24
N VAL A 364 14.37 15.08 1.36
CA VAL A 364 14.92 15.52 2.63
C VAL A 364 14.41 16.93 2.86
N PHE A 365 13.52 17.08 3.83
CA PHE A 365 12.95 18.38 4.11
C PHE A 365 13.94 19.37 4.69
N ASN A 366 13.74 20.64 4.37
CA ASN A 366 14.61 21.71 4.84
C ASN A 366 14.26 22.06 6.28
N ASP A 367 15.10 21.64 7.21
CA ASP A 367 14.88 21.93 8.62
C ASP A 367 15.77 23.08 9.08
N GLY A 368 16.40 23.75 8.12
CA GLY A 368 17.29 24.86 8.44
C GLY A 368 18.71 24.41 8.67
N ASN A 369 18.95 23.10 8.60
CA ASN A 369 20.27 22.54 8.81
C ASN A 369 20.76 21.79 7.58
N ILE A 370 20.33 22.25 6.40
CA ILE A 370 20.73 21.61 5.15
C ILE A 370 22.02 22.20 4.61
N LYS A 371 23.09 22.11 5.39
CA LYS A 371 24.38 22.64 5.00
C LYS A 371 25.51 21.71 5.47
N ASP A 373 25.07 19.48 -0.21
CA ASP A 373 26.08 19.90 -1.22
C ASP A 373 25.57 19.59 -2.63
N GLY A 374 25.77 18.34 -3.06
CA GLY A 374 25.33 17.94 -4.38
C GLY A 374 23.87 17.56 -4.44
N TRP A 375 23.06 18.16 -3.58
CA TRP A 375 21.63 17.87 -3.55
C TRP A 375 20.83 18.85 -4.40
N TRP A 376 19.69 18.40 -4.89
CA TRP A 376 18.81 19.22 -5.71
C TRP A 376 17.78 19.90 -4.81
N ARG A 377 17.56 21.19 -5.02
CA ARG A 377 16.61 21.95 -4.22
C ARG A 377 15.29 22.16 -4.93
N SER A 378 14.19 21.90 -4.24
CA SER A 378 12.85 22.06 -4.81
C SER A 378 12.61 23.52 -5.19
N SER A 379 11.58 23.74 -5.98
CA SER A 379 11.22 25.09 -6.45
C SER A 379 11.14 26.12 -5.33
N VAL A 380 10.38 25.81 -4.28
CA VAL A 380 10.24 26.73 -3.16
C VAL A 380 11.35 26.54 -2.12
N GLY A 381 12.01 25.39 -2.16
CA GLY A 381 13.10 25.12 -1.24
C GLY A 381 12.70 24.38 0.03
N ASP A 382 11.47 23.87 0.06
CA ASP A 382 11.00 23.14 1.24
C ASP A 382 11.67 21.79 1.42
N PHE A 383 12.22 21.24 0.34
CA PHE A 383 12.92 19.96 0.43
C PHE A 383 14.01 19.80 -0.61
N PHE A 384 14.87 18.82 -0.40
CA PHE A 384 15.97 18.54 -1.31
C PHE A 384 15.87 17.09 -1.75
N VAL A 385 16.56 16.75 -2.84
CA VAL A 385 16.56 15.40 -3.36
C VAL A 385 18.00 14.96 -3.60
N LYS A 386 18.41 13.89 -2.93
CA LYS A 386 19.76 13.38 -3.09
C LYS A 386 19.88 12.77 -4.48
N PRO A 387 21.08 12.85 -5.09
CA PRO A 387 21.32 12.29 -6.42
C PRO A 387 20.91 10.83 -6.56
N LEU A 388 21.07 10.05 -5.49
CA LEU A 388 20.73 8.64 -5.53
C LEU A 388 19.25 8.31 -5.31
N ASP A 389 18.46 9.32 -4.92
CA ASP A 389 17.03 9.13 -4.68
C ASP A 389 16.15 9.77 -5.75
N ARG A 390 16.74 10.14 -6.88
CA ARG A 390 16.00 10.81 -7.94
C ARG A 390 15.03 9.96 -8.77
N HIS A 391 15.03 8.64 -8.55
CA HIS A 391 14.13 7.79 -9.31
C HIS A 391 12.68 7.88 -8.86
N ASN A 392 11.76 7.48 -9.74
CA ASN A 392 10.33 7.44 -9.42
C ASN A 392 9.85 6.08 -9.87
N LEU A 393 9.32 5.31 -8.92
CA LEU A 393 8.87 3.96 -9.20
C LEU A 393 7.36 3.83 -9.37
N GLN A 394 6.73 4.88 -9.88
CA GLN A 394 5.29 4.86 -10.12
C GLN A 394 4.50 4.62 -8.84
N ARG A 395 5.03 5.08 -7.70
CA ARG A 395 4.38 4.88 -6.42
C ARG A 395 3.06 5.62 -6.24
N PRO A 396 2.12 5.00 -5.51
CA PRO A 396 0.77 5.54 -5.25
C PRO A 396 0.44 6.30 -3.97
N GLU A 397 1.32 6.27 -2.98
CA GLU A 397 1.02 6.89 -1.70
C GLU A 397 0.46 8.31 -1.65
N THR A 398 0.82 9.18 -2.60
CA THR A 398 0.28 10.52 -2.56
C THR A 398 -1.12 10.57 -3.19
N VAL A 399 -1.31 9.90 -4.32
CA VAL A 399 -2.65 9.92 -4.93
C VAL A 399 -3.59 9.11 -4.05
N GLU A 400 -3.02 8.23 -3.23
CA GLU A 400 -3.77 7.40 -2.29
C GLU A 400 -4.43 8.32 -1.28
N SER A 401 -3.62 9.18 -0.65
CA SER A 401 -4.11 10.11 0.34
C SER A 401 -5.03 11.15 -0.27
N ILE A 402 -4.72 11.58 -1.49
CA ILE A 402 -5.55 12.59 -2.15
C ILE A 402 -6.95 12.04 -2.36
N MET A 403 -7.04 10.76 -2.70
CA MET A 403 -8.34 10.11 -2.92
C MET A 403 -9.16 10.17 -1.62
N PHE A 404 -8.55 9.78 -0.51
CA PHE A 404 -9.25 9.78 0.76
C PHE A 404 -9.70 11.18 1.14
N MET A 405 -8.80 12.15 1.03
CA MET A 405 -9.12 13.52 1.37
C MET A 405 -10.28 14.06 0.55
N TYR A 406 -10.32 13.73 -0.74
CA TYR A 406 -11.41 14.22 -1.56
C TYR A 406 -12.75 13.64 -1.16
N HIS A 407 -12.83 12.31 -1.07
CA HIS A 407 -14.10 11.68 -0.72
C HIS A 407 -14.60 11.96 0.68
N LEU A 408 -13.68 12.29 1.59
CA LEU A 408 -14.09 12.58 2.96
C LEU A 408 -14.42 14.07 3.14
N SER A 409 -13.69 14.94 2.45
CA SER A 409 -13.90 16.38 2.58
C SER A 409 -14.77 16.98 1.48
N HIS A 410 -14.69 16.39 0.30
CA HIS A 410 -15.43 16.87 -0.86
C HIS A 410 -14.87 18.19 -1.35
N ASP A 411 -13.65 18.53 -0.90
CA ASP A 411 -12.97 19.75 -1.31
C ASP A 411 -12.44 19.48 -2.71
N HIS A 412 -12.99 20.16 -3.72
CA HIS A 412 -12.57 19.94 -5.09
C HIS A 412 -11.08 20.16 -5.35
N LYS A 413 -10.42 20.86 -4.43
CA LYS A 413 -9.00 21.12 -4.56
C LYS A 413 -8.21 19.81 -4.71
N TYR A 414 -8.68 18.77 -4.05
CA TYR A 414 -8.02 17.47 -4.12
C TYR A 414 -8.13 16.84 -5.50
N ARG A 415 -9.24 17.08 -6.18
CA ARG A 415 -9.39 16.54 -7.52
C ARG A 415 -8.48 17.30 -8.49
N GLU A 416 -8.26 18.58 -8.21
CA GLU A 416 -7.39 19.40 -9.03
C GLU A 416 -5.96 18.89 -8.88
N TRP A 417 -5.57 18.62 -7.64
CA TRP A 417 -4.24 18.11 -7.34
C TRP A 417 -4.05 16.75 -8.02
N GLY A 418 -5.06 15.89 -7.90
CA GLY A 418 -4.98 14.58 -8.50
C GLY A 418 -4.87 14.63 -10.01
N ALA A 419 -5.57 15.59 -10.62
CA ALA A 419 -5.55 15.74 -12.08
C ALA A 419 -4.16 16.17 -12.54
N GLU A 420 -3.56 17.09 -11.81
CA GLU A 420 -2.22 17.57 -12.13
C GLU A 420 -1.22 16.42 -12.07
N ILE A 421 -1.31 15.63 -11.02
CA ILE A 421 -0.40 14.49 -10.86
C ILE A 421 -0.64 13.47 -11.97
N ALA A 422 -1.91 13.22 -12.30
CA ALA A 422 -2.21 12.27 -13.36
C ALA A 422 -1.59 12.77 -14.67
N THR A 423 -1.66 14.08 -14.89
CA THR A 423 -1.09 14.68 -16.09
C THR A 423 0.42 14.53 -16.09
N SER A 424 1.05 14.74 -14.94
CA SER A 424 2.50 14.62 -14.84
C SER A 424 2.93 13.18 -15.12
N PHE A 425 2.18 12.20 -14.64
CA PHE A 425 2.52 10.81 -14.90
C PHE A 425 2.39 10.53 -16.39
N PHE A 426 1.31 11.03 -16.98
CA PHE A 426 1.05 10.85 -18.39
C PHE A 426 2.17 11.41 -19.27
N GLU A 427 2.53 12.67 -19.04
CA GLU A 427 3.56 13.33 -19.83
C GLU A 427 5.01 12.96 -19.50
N ASN A 428 5.29 12.61 -18.25
CA ASN A 428 6.66 12.29 -17.88
C ASN A 428 7.06 10.84 -17.67
N THR A 429 6.13 9.90 -17.82
CA THR A 429 6.50 8.50 -17.70
C THR A 429 6.09 7.75 -18.96
N CYS A 430 5.52 8.47 -19.92
CA CYS A 430 5.09 7.84 -21.15
C CYS A 430 6.24 7.53 -22.12
N VAL A 431 6.04 6.49 -22.92
CA VAL A 431 7.00 6.06 -23.93
C VAL A 431 6.13 6.07 -25.19
N ASP A 432 6.67 6.56 -26.30
CA ASP A 432 5.88 6.66 -27.54
C ASP A 432 4.65 7.48 -27.17
N CYS A 433 4.92 8.60 -26.52
CA CYS A 433 3.91 9.53 -26.03
C CYS A 433 2.93 10.06 -27.06
N ASN A 434 3.35 10.13 -28.32
CA ASN A 434 2.51 10.67 -29.37
C ASN A 434 1.78 9.63 -30.22
N ASP A 435 1.75 8.39 -29.76
CA ASP A 435 1.07 7.32 -30.49
C ASP A 435 0.22 6.48 -29.55
N PRO A 436 -1.07 6.78 -29.44
CA PRO A 436 -2.00 6.06 -28.56
C PRO A 436 -2.01 4.54 -28.74
N LYS A 437 -1.59 4.07 -29.92
CA LYS A 437 -1.59 2.64 -30.17
C LYS A 437 -0.33 1.93 -29.66
N LEU A 438 0.71 2.69 -29.34
CA LEU A 438 1.95 2.12 -28.83
C LEU A 438 2.38 2.74 -27.50
N ARG A 439 1.66 3.75 -27.05
CA ARG A 439 2.00 4.43 -25.81
C ARG A 439 1.93 3.51 -24.59
N ARG A 440 2.92 3.65 -23.70
CA ARG A 440 2.99 2.88 -22.46
C ARG A 440 3.52 3.81 -21.38
N PHE A 441 3.53 3.32 -20.14
CA PHE A 441 4.02 4.10 -19.02
C PHE A 441 5.02 3.26 -18.23
N THR A 442 6.12 3.88 -17.85
CA THR A 442 7.18 3.14 -17.17
C THR A 442 7.82 3.92 -16.01
N SER A 443 8.59 3.21 -15.18
CA SER A 443 9.26 3.84 -14.06
C SER A 443 10.36 4.76 -14.58
N LEU A 444 10.89 5.60 -13.68
CA LEU A 444 11.92 6.55 -14.02
C LEU A 444 13.18 6.36 -13.18
N SER A 445 14.34 6.36 -13.83
CA SER A 445 15.59 6.26 -13.11
C SER A 445 15.90 7.65 -12.56
N ASP A 446 15.30 8.66 -13.18
CA ASP A 446 15.49 10.05 -12.77
C ASP A 446 14.27 10.91 -13.13
N CYS A 447 13.54 11.37 -12.12
CA CYS A 447 12.36 12.20 -12.36
C CYS A 447 12.64 13.68 -12.11
N ILE A 448 13.89 14.02 -11.87
CA ILE A 448 14.28 15.39 -11.63
C ILE A 448 14.83 16.02 -12.90
N THR A 449 15.62 15.25 -13.64
CA THR A 449 16.18 15.75 -14.90
C THR A 449 15.04 15.84 -15.91
N LEU A 450 15.15 16.78 -16.84
CA LEU A 450 14.13 16.96 -17.88
C LEU A 450 14.79 17.00 -19.26
N PRO A 451 14.34 16.15 -20.19
CA PRO A 451 13.26 15.17 -19.99
C PRO A 451 13.65 14.10 -18.99
N THR A 452 12.66 13.51 -18.33
CA THR A 452 12.92 12.47 -17.35
C THR A 452 13.60 11.27 -18.02
N LYS A 453 14.37 10.52 -17.24
CA LYS A 453 15.06 9.35 -17.74
C LYS A 453 14.26 8.11 -17.36
N LYS A 454 13.89 7.33 -18.38
CA LYS A 454 13.07 6.14 -18.17
C LYS A 454 13.83 4.87 -17.79
N SER A 455 13.18 4.05 -16.96
CA SER A 455 13.71 2.77 -16.50
C SER A 455 12.82 1.69 -17.13
N ASN A 456 13.42 0.58 -17.53
CA ASN A 456 12.65 -0.48 -18.17
C ASN A 456 11.91 -1.40 -17.19
N ASN A 457 10.90 -0.85 -16.51
CA ASN A 457 10.12 -1.63 -15.56
C ASN A 457 8.79 -0.98 -15.21
N MET A 458 7.73 -1.78 -15.22
CA MET A 458 6.38 -1.32 -14.86
C MET A 458 6.01 -2.05 -13.58
N GLU A 459 5.88 -1.31 -12.48
CA GLU A 459 5.53 -1.92 -11.21
C GLU A 459 4.08 -2.40 -11.23
N SER A 460 3.81 -3.53 -10.59
CA SER A 460 2.44 -4.04 -10.59
C SER A 460 1.53 -3.03 -9.91
N PHE A 461 2.07 -2.29 -8.94
CA PHE A 461 1.26 -1.32 -8.22
C PHE A 461 0.91 -0.06 -9.01
N TRP A 462 1.49 0.10 -10.19
CA TRP A 462 1.14 1.22 -11.06
C TRP A 462 -0.31 0.96 -11.44
N LEU A 463 -0.63 -0.31 -11.66
CA LEU A 463 -1.97 -0.74 -12.04
C LEU A 463 -2.84 -1.09 -10.83
N ALA A 464 -2.23 -1.72 -9.82
CA ALA A 464 -2.99 -2.10 -8.63
C ALA A 464 -3.32 -0.92 -7.74
N GLU A 465 -2.43 0.06 -7.67
CA GLU A 465 -2.63 1.19 -6.78
C GLU A 465 -2.72 2.58 -7.35
N THR A 466 -1.67 3.01 -8.04
CA THR A 466 -1.61 4.35 -8.56
C THR A 466 -2.78 4.72 -9.47
N LEU A 467 -3.01 3.93 -10.51
CA LEU A 467 -4.12 4.23 -11.40
C LEU A 467 -5.46 3.95 -10.72
N LYS A 468 -5.50 2.98 -9.79
CA LYS A 468 -6.75 2.69 -9.10
C LYS A 468 -7.19 3.86 -8.23
N TYR A 469 -6.29 4.39 -7.42
CA TYR A 469 -6.63 5.52 -6.55
C TYR A 469 -6.98 6.75 -7.36
N LEU A 470 -6.27 7.00 -8.46
CA LEU A 470 -6.58 8.15 -9.28
C LEU A 470 -7.97 7.97 -9.87
N TYR A 471 -8.31 6.73 -10.22
CA TYR A 471 -9.62 6.44 -10.77
C TYR A 471 -10.71 6.70 -9.74
N ILE A 472 -10.56 6.11 -8.56
CA ILE A 472 -11.53 6.27 -7.48
C ILE A 472 -11.71 7.74 -7.12
N LEU A 473 -10.62 8.51 -7.18
CA LEU A 473 -10.68 9.94 -6.88
C LEU A 473 -11.73 10.62 -7.77
N PHE A 474 -11.85 10.13 -9.00
CA PHE A 474 -12.80 10.73 -9.92
C PHE A 474 -14.14 10.04 -10.06
N LEU A 475 -14.42 9.13 -9.14
CA LEU A 475 -15.71 8.46 -9.09
C LEU A 475 -16.48 9.44 -8.21
N ASP A 476 -17.74 9.71 -8.54
CA ASP A 476 -18.51 10.66 -7.74
C ASP A 476 -19.09 9.99 -6.50
N GLU A 477 -19.28 8.68 -6.59
CA GLU A 477 -19.83 7.92 -5.48
C GLU A 477 -18.88 6.83 -5.01
N PHE A 478 -18.41 6.97 -3.78
CA PHE A 478 -17.53 5.97 -3.18
C PHE A 478 -17.65 6.06 -1.67
N ASP A 479 -18.38 5.11 -1.11
CA ASP A 479 -18.62 5.05 0.33
C ASP A 479 -17.46 4.41 1.07
N LEU A 480 -16.63 5.25 1.69
CA LEU A 480 -15.49 4.78 2.45
C LEU A 480 -15.84 4.14 3.79
N THR A 481 -17.13 4.03 4.10
CA THR A 481 -17.54 3.41 5.35
C THR A 481 -17.84 1.93 5.13
N LYS A 482 -17.89 1.51 3.88
CA LYS A 482 -18.20 0.13 3.56
C LYS A 482 -17.01 -0.70 3.06
N VAL A 483 -15.86 -0.05 2.91
CA VAL A 483 -14.69 -0.73 2.42
C VAL A 483 -13.44 -0.33 3.17
N VAL A 484 -12.48 -1.25 3.24
CA VAL A 484 -11.20 -0.98 3.86
C VAL A 484 -10.18 -1.52 2.86
N PHE A 485 -9.27 -0.65 2.41
CA PHE A 485 -8.25 -1.05 1.45
C PHE A 485 -7.07 -1.71 2.13
N ASN A 486 -6.57 -2.81 1.56
CA ASN A 486 -5.39 -3.42 2.16
C ASN A 486 -4.25 -2.53 1.69
N THR A 487 -3.02 -2.80 2.10
CA THR A 487 -1.91 -1.93 1.75
C THR A 487 -1.51 -1.85 0.28
N GLU A 488 -2.06 -2.76 -0.52
CA GLU A 488 -1.80 -2.78 -1.96
C GLU A 488 -3.08 -2.34 -2.68
N ALA A 489 -3.88 -1.54 -1.97
CA ALA A 489 -5.15 -1.01 -2.49
C ALA A 489 -6.18 -2.05 -2.93
N HIS A 490 -6.18 -3.19 -2.27
CA HIS A 490 -7.16 -4.23 -2.59
C HIS A 490 -8.29 -4.06 -1.58
N PRO A 491 -9.47 -3.62 -2.05
CA PRO A 491 -10.62 -3.41 -1.16
C PRO A 491 -11.31 -4.64 -0.59
N PHE A 492 -11.46 -4.64 0.74
CA PHE A 492 -12.15 -5.72 1.44
C PHE A 492 -13.39 -5.05 2.04
N PRO A 493 -14.46 -5.81 2.24
CA PRO A 493 -15.65 -5.18 2.82
C PRO A 493 -15.50 -5.10 4.34
N VAL A 494 -16.15 -4.12 4.95
CA VAL A 494 -16.12 -4.02 6.40
C VAL A 494 -16.91 -5.24 6.85
N LEU A 495 -16.36 -6.00 7.81
CA LEU A 495 -17.02 -7.22 8.27
C LEU A 495 -18.07 -6.99 9.35
N ASP A 496 -19.11 -7.83 9.33
CA ASP A 496 -20.20 -7.73 10.29
C ASP A 496 -19.78 -8.29 11.66
N GLU A 497 -19.82 -7.44 12.68
CA GLU A 497 -19.43 -7.83 14.03
C GLU A 497 -20.13 -9.09 14.56
N GLU A 498 -21.43 -9.18 14.33
CA GLU A 498 -22.19 -10.33 14.80
C GLU A 498 -21.77 -11.64 14.15
N ILE A 499 -21.43 -11.59 12.87
CA ILE A 499 -20.99 -12.78 12.17
C ILE A 499 -19.62 -13.21 12.67
N LEU A 500 -18.76 -12.23 12.98
CA LEU A 500 -17.43 -12.55 13.49
C LEU A 500 -17.59 -13.25 14.84
N LYS A 501 -18.50 -12.75 15.65
CA LYS A 501 -18.77 -13.32 16.97
C LYS A 501 -19.23 -14.77 16.83
N SER A 502 -20.18 -15.01 15.94
CA SER A 502 -20.71 -16.34 15.73
C SER A 502 -19.65 -17.32 15.22
N GLN A 503 -18.61 -16.77 14.59
CA GLN A 503 -17.53 -17.59 14.07
C GLN A 503 -16.40 -17.71 15.10
N SER A 504 -16.60 -17.10 16.25
CA SER A 504 -15.61 -17.11 17.32
C SER A 504 -14.34 -16.39 16.90
N LEU A 505 -14.50 -15.37 16.06
CA LEU A 505 -13.37 -14.57 15.61
C LEU A 505 -13.36 -13.31 16.47
N THR A 506 -12.57 -13.36 17.55
CA THR A 506 -12.47 -12.24 18.47
C THR A 506 -11.01 -11.97 18.79
N THR A 507 -10.77 -10.88 19.52
CA THR A 507 -9.41 -10.51 19.90
C THR A 507 -8.92 -11.51 20.94
N GLY A 508 -7.91 -12.28 20.56
CA GLY A 508 -7.38 -13.32 21.43
C GLY A 508 -6.26 -12.93 22.38
N TRP A 509 -6.06 -11.64 22.55
CA TRP A 509 -5.04 -11.14 23.45
C TRP A 509 -5.46 -9.74 23.87
N SER A 510 -4.72 -9.16 24.81
CA SER A 510 -5.05 -7.81 25.24
C SER A 510 -3.82 -7.17 25.86
N LEU A 511 -3.96 -5.91 26.25
CA LEU A 511 -2.85 -5.20 26.85
C LEU A 511 -3.40 -4.13 27.78
#